data_7LEK
#
_entry.id   7LEK
#
_cell.length_a   110.610
_cell.length_b   99.320
_cell.length_c   60.400
_cell.angle_alpha   90.000
_cell.angle_beta   108.390
_cell.angle_gamma   90.000
#
_symmetry.space_group_name_H-M   'C 1 2 1'
#
loop_
_entity.id
_entity.type
_entity.pdbx_description
1 polymer 'Bromodomain testis-specific protein'
2 non-polymer 11-cyclopentyl-2-({2-ethoxy-4-[4-(4-methylpiperazin-1-yl)piperidine-1-carbonyl]phenyl}amino)-5-methyl-5,11-dihydro-6H-pyrimido[4,5-b][1,4]benzodiazepin-6-one
3 non-polymer 'CHLORIDE ION'
4 non-polymer 1,2-ETHANEDIOL
5 water water
#
_entity_poly.entity_id   1
_entity_poly.type   'polypeptide(L)'
_entity_poly.pdbx_seq_one_letter_code
;GAASTVKVTEQLRHCSEILKEMLAKKHFSYAWPFYNPVDVNALGLHNYYDVVKNPMDLGTIKEKMDNQEYKDAYKFAADV
RLMFMNCYKYNPPDHEVVTMARMLQDVFETHFSKIPI
;
_entity_poly.pdbx_strand_id   A,B,C,D
#
# COMPACT_ATOMS: atom_id res chain seq x y z
N THR A 5 -18.20 -6.76 36.05
CA THR A 5 -19.37 -6.08 35.49
C THR A 5 -19.62 -6.45 34.02
N VAL A 6 -20.91 -6.47 33.67
CA VAL A 6 -21.42 -6.69 32.32
C VAL A 6 -21.17 -5.50 31.42
N LYS A 7 -21.39 -4.28 31.93
CA LYS A 7 -21.24 -3.11 31.05
C LYS A 7 -19.82 -3.04 30.49
N VAL A 8 -18.85 -3.66 31.16
CA VAL A 8 -17.49 -3.64 30.62
C VAL A 8 -17.49 -4.37 29.28
N THR A 9 -18.29 -5.45 29.18
CA THR A 9 -18.37 -6.22 27.95
C THR A 9 -19.04 -5.39 26.85
N GLU A 10 -20.12 -4.68 27.19
CA GLU A 10 -20.75 -3.79 26.22
C GLU A 10 -19.74 -2.72 25.75
N GLN A 11 -18.94 -2.18 26.68
CA GLN A 11 -17.95 -1.17 26.29
C GLN A 11 -16.94 -1.76 25.33
N LEU A 12 -16.52 -3.00 25.60
CA LEU A 12 -15.53 -3.67 24.76
C LEU A 12 -16.10 -4.05 23.40
N ARG A 13 -17.39 -4.37 23.32
CA ARG A 13 -18.00 -4.58 22.03
C ARG A 13 -18.05 -3.28 21.23
N HIS A 14 -18.33 -2.16 21.90
CA HIS A 14 -18.24 -0.86 21.23
C HIS A 14 -16.79 -0.63 20.74
N CYS A 15 -15.79 -0.96 21.58
CA CYS A 15 -14.37 -0.88 21.18
C CYS A 15 -14.08 -1.73 19.95
N SER A 16 -14.61 -2.95 19.90
CA SER A 16 -14.39 -3.81 18.75
C SER A 16 -14.97 -3.18 17.49
N GLU A 17 -16.14 -2.55 17.61
CA GLU A 17 -16.71 -1.86 16.45
C GLU A 17 -15.82 -0.69 16.04
N ILE A 18 -15.22 -0.01 17.03
CA ILE A 18 -14.33 1.11 16.72
C ILE A 18 -13.09 0.62 16.00
N LEU A 19 -12.55 -0.51 16.45
CA LEU A 19 -11.38 -1.11 15.79
C LEU A 19 -11.71 -1.48 14.35
N LYS A 20 -12.89 -2.05 14.14
CA LYS A 20 -13.33 -2.39 12.79
C LYS A 20 -13.47 -1.14 11.94
N GLU A 21 -13.94 -0.05 12.55
CA GLU A 21 -14.01 1.23 11.84
C GLU A 21 -12.64 1.74 11.47
N MET A 22 -11.66 1.61 12.35
CA MET A 22 -10.33 2.12 12.05
C MET A 22 -9.69 1.31 10.94
N LEU A 23 -10.09 0.04 10.82
CA LEU A 23 -9.64 -0.85 9.76
C LEU A 23 -10.50 -0.76 8.51
N ALA A 24 -11.65 -0.08 8.56
CA ALA A 24 -12.51 0.11 7.41
C ALA A 24 -11.73 0.80 6.30
N LYS A 25 -12.31 0.87 5.10
CA LYS A 25 -11.52 1.29 3.95
C LYS A 25 -11.86 2.70 3.48
N LYS A 26 -12.79 3.36 4.14
CA LYS A 26 -12.84 4.82 4.06
C LYS A 26 -11.55 5.45 4.57
N HIS A 27 -10.80 4.75 5.42
CA HIS A 27 -9.61 5.36 5.97
C HIS A 27 -8.34 4.82 5.32
N PHE A 28 -8.46 4.03 4.23
CA PHE A 28 -7.29 3.30 3.76
C PHE A 28 -6.16 4.27 3.39
N SER A 29 -6.50 5.39 2.77
CA SER A 29 -5.51 6.32 2.24
C SER A 29 -4.56 6.79 3.33
N TYR A 30 -5.03 6.89 4.57
CA TYR A 30 -4.14 7.29 5.65
C TYR A 30 -3.95 6.22 6.71
N ALA A 31 -4.72 5.13 6.67
CA ALA A 31 -4.56 4.14 7.73
C ALA A 31 -3.53 3.06 7.42
N TRP A 32 -3.21 2.86 6.15
CA TRP A 32 -2.35 1.73 5.77
C TRP A 32 -0.99 1.66 6.46
N PRO A 33 -0.31 2.74 6.83
CA PRO A 33 0.99 2.55 7.52
C PRO A 33 0.85 1.92 8.90
N PHE A 34 -0.36 1.80 9.43
CA PHE A 34 -0.63 1.30 10.78
C PHE A 34 -1.28 -0.07 10.78
N TYR A 35 -1.37 -0.71 9.61
CA TYR A 35 -2.05 -2.00 9.49
C TYR A 35 -1.20 -3.10 10.11
N ASN A 36 0.12 -3.02 9.94
CA ASN A 36 1.15 -4.00 10.25
C ASN A 36 2.27 -3.32 11.04
N PRO A 37 3.03 -4.10 11.81
CA PRO A 37 4.17 -3.55 12.54
C PRO A 37 5.18 -2.88 11.62
N VAL A 38 5.83 -1.83 12.14
CA VAL A 38 6.89 -1.23 11.34
C VAL A 38 7.93 -2.30 11.08
N ASP A 39 8.23 -2.51 9.80
CA ASP A 39 9.33 -3.36 9.35
C ASP A 39 10.60 -2.54 9.16
N VAL A 40 11.42 -2.44 10.21
CA VAL A 40 12.55 -1.53 10.15
C VAL A 40 13.46 -1.94 9.00
N ASN A 41 13.52 -3.24 8.71
CA ASN A 41 14.43 -3.72 7.68
C ASN A 41 13.97 -3.29 6.30
N ALA A 42 12.68 -3.47 5.99
CA ALA A 42 12.17 -3.02 4.70
C ALA A 42 12.36 -1.51 4.52
N LEU A 43 12.17 -0.75 5.61
CA LEU A 43 12.26 0.70 5.57
C LEU A 43 13.66 1.29 5.76
N GLY A 44 14.69 0.51 6.06
CA GLY A 44 16.00 1.13 6.20
C GLY A 44 16.25 1.93 7.47
N LEU A 45 15.54 1.61 8.56
CA LEU A 45 15.49 2.43 9.78
C LEU A 45 16.36 1.87 10.91
N HIS A 46 17.67 2.08 10.82
CA HIS A 46 18.55 1.48 11.82
C HIS A 46 18.36 2.06 13.22
N ASN A 47 17.66 3.18 13.39
CA ASN A 47 17.50 3.78 14.71
C ASN A 47 16.10 3.64 15.32
N TYR A 48 15.16 2.93 14.67
CA TYR A 48 13.78 2.92 15.14
C TYR A 48 13.61 2.28 16.52
N TYR A 49 14.22 1.12 16.73
CA TYR A 49 14.08 0.39 18.00
C TYR A 49 14.85 1.06 19.13
N ASP A 50 15.76 1.97 18.82
CA ASP A 50 16.38 2.71 19.92
C ASP A 50 15.35 3.67 20.52
N VAL A 51 14.52 4.27 19.69
CA VAL A 51 13.50 5.18 20.19
C VAL A 51 12.27 4.41 20.65
N VAL A 52 11.82 3.46 19.83
CA VAL A 52 10.55 2.78 20.06
C VAL A 52 10.80 1.40 20.64
N LYS A 53 10.63 1.27 21.95
CA LYS A 53 10.90 0.05 22.70
C LYS A 53 9.71 -0.91 22.69
N ASN A 54 8.49 -0.41 22.47
CA ASN A 54 7.25 -1.19 22.48
C ASN A 54 6.44 -0.93 21.22
N PRO A 55 6.78 -1.61 20.13
CA PRO A 55 6.05 -1.43 18.87
C PRO A 55 4.59 -1.84 18.98
N MET A 56 3.75 -1.14 18.22
CA MET A 56 2.32 -1.43 18.19
C MET A 56 1.76 -1.08 16.82
N ASP A 57 0.73 -1.82 16.42
CA ASP A 57 0.03 -1.61 15.16
C ASP A 57 -1.38 -2.18 15.25
N LEU A 58 -2.21 -1.78 14.29
CA LEU A 58 -3.62 -2.17 14.33
C LEU A 58 -3.81 -3.66 14.14
N GLY A 59 -2.97 -4.31 13.33
CA GLY A 59 -3.08 -5.75 13.17
C GLY A 59 -2.83 -6.50 14.46
N THR A 60 -1.80 -6.07 15.21
CA THR A 60 -1.54 -6.69 16.50
C THR A 60 -2.71 -6.45 17.46
N ILE A 61 -3.23 -5.22 17.49
CA ILE A 61 -4.40 -4.89 18.30
C ILE A 61 -5.60 -5.76 17.91
N LYS A 62 -5.81 -5.98 16.60
CA LYS A 62 -6.93 -6.82 16.19
C LYS A 62 -6.77 -8.24 16.71
N GLU A 63 -5.57 -8.80 16.61
CA GLU A 63 -5.39 -10.16 17.12
C GLU A 63 -5.57 -10.20 18.64
N LYS A 64 -5.11 -9.17 19.34
CA LYS A 64 -5.34 -9.09 20.78
C LYS A 64 -6.83 -9.01 21.10
N MET A 65 -7.58 -8.23 20.31
CA MET A 65 -9.02 -8.09 20.51
C MET A 65 -9.74 -9.39 20.15
N ASP A 66 -9.31 -10.05 19.08
CA ASP A 66 -9.94 -11.32 18.72
C ASP A 66 -9.68 -12.35 19.80
N ASN A 67 -8.58 -12.21 20.56
CA ASN A 67 -8.31 -13.13 21.66
C ASN A 67 -8.79 -12.64 23.01
N GLN A 68 -9.70 -11.68 23.08
CA GLN A 68 -10.33 -11.39 24.37
C GLN A 68 -9.31 -10.82 25.36
N GLU A 69 -8.21 -10.24 24.86
CA GLU A 69 -7.03 -9.91 25.67
C GLU A 69 -7.17 -8.55 26.34
N TYR A 70 -8.08 -7.73 25.87
CA TYR A 70 -8.37 -6.42 26.45
C TYR A 70 -9.49 -6.67 27.44
N LYS A 71 -9.23 -6.42 28.73
CA LYS A 71 -10.24 -6.64 29.74
C LYS A 71 -11.11 -5.42 30.01
N ASP A 72 -10.71 -4.25 29.54
CA ASP A 72 -11.50 -3.03 29.65
C ASP A 72 -11.15 -2.15 28.46
N ALA A 73 -12.01 -1.17 28.18
CA ALA A 73 -11.82 -0.29 27.04
C ALA A 73 -10.58 0.58 27.17
N TYR A 74 -10.14 0.81 28.39
CA TYR A 74 -9.03 1.70 28.69
C TYR A 74 -7.68 1.04 28.34
N LYS A 75 -7.56 -0.29 28.49
CA LYS A 75 -6.38 -1.00 27.99
C LYS A 75 -6.30 -0.98 26.46
N PHE A 76 -7.44 -1.16 25.80
CA PHE A 76 -7.51 -1.04 24.34
C PHE A 76 -7.06 0.35 23.90
N ALA A 77 -7.63 1.38 24.53
CA ALA A 77 -7.29 2.74 24.14
C ALA A 77 -5.81 2.98 24.37
N ALA A 78 -5.24 2.39 25.43
CA ALA A 78 -3.82 2.59 25.68
C ALA A 78 -2.97 1.97 24.59
N ASP A 79 -3.40 0.83 24.03
CA ASP A 79 -2.63 0.25 22.94
C ASP A 79 -2.73 1.07 21.65
N VAL A 80 -3.92 1.57 21.35
CA VAL A 80 -4.07 2.42 20.16
C VAL A 80 -3.24 3.69 20.29
N ARG A 81 -3.34 4.34 21.44
CA ARG A 81 -2.60 5.58 21.63
C ARG A 81 -1.12 5.30 21.66
N LEU A 82 -0.69 4.14 22.16
CA LEU A 82 0.72 3.77 22.09
C LEU A 82 1.20 3.72 20.65
N MET A 83 0.41 3.10 19.77
CA MET A 83 0.78 3.07 18.34
C MET A 83 1.02 4.49 17.81
N PHE A 84 0.12 5.41 18.16
CA PHE A 84 0.31 6.77 17.67
C PHE A 84 1.52 7.42 18.32
N MET A 85 1.66 7.26 19.63
CA MET A 85 2.78 7.83 20.36
C MET A 85 4.11 7.37 19.78
N ASN A 86 4.21 6.08 19.40
CA ASN A 86 5.44 5.61 18.80
C ASN A 86 5.71 6.37 17.51
N CYS A 87 4.66 6.53 16.69
CA CYS A 87 4.82 7.30 15.47
C CYS A 87 5.28 8.73 15.75
N TYR A 88 4.62 9.40 16.71
CA TYR A 88 4.96 10.80 17.00
C TYR A 88 6.32 10.98 17.69
N LYS A 89 6.76 10.01 18.49
CA LYS A 89 8.05 10.15 19.15
C LYS A 89 9.17 9.92 18.13
N TYR A 90 8.98 8.98 17.20
CA TYR A 90 10.07 8.64 16.30
C TYR A 90 10.22 9.67 15.18
N ASN A 91 9.10 10.20 14.67
CA ASN A 91 9.17 10.98 13.44
C ASN A 91 9.12 12.47 13.78
N PRO A 92 9.78 13.32 13.00
CA PRO A 92 9.60 14.77 13.17
C PRO A 92 8.17 15.19 12.88
N PRO A 93 7.68 16.23 13.56
CA PRO A 93 6.25 16.57 13.43
C PRO A 93 5.83 17.03 12.04
N ASP A 94 6.75 17.41 11.16
CA ASP A 94 6.40 17.87 9.81
C ASP A 94 6.31 16.69 8.85
N HIS A 95 6.57 15.49 9.33
CA HIS A 95 6.54 14.29 8.50
C HIS A 95 5.15 13.82 8.16
N GLU A 96 5.00 13.42 6.91
CA GLU A 96 3.71 12.95 6.38
C GLU A 96 3.09 11.91 7.28
N VAL A 97 3.92 11.02 7.84
CA VAL A 97 3.33 9.95 8.64
C VAL A 97 2.62 10.56 9.84
N VAL A 98 3.11 11.70 10.32
CA VAL A 98 2.46 12.30 11.47
C VAL A 98 1.09 12.86 11.10
N THR A 99 0.98 13.55 9.96
CA THR A 99 -0.34 13.94 9.47
C THR A 99 -1.28 12.73 9.31
N MET A 100 -0.75 11.63 8.76
CA MET A 100 -1.59 10.45 8.57
C MET A 100 -2.00 9.85 9.93
N ALA A 101 -1.05 9.76 10.88
CA ALA A 101 -1.38 9.31 12.23
C ALA A 101 -2.48 10.18 12.84
N ARG A 102 -2.36 11.51 12.71
CA ARG A 102 -3.40 12.40 13.26
C ARG A 102 -4.74 12.19 12.61
N MET A 103 -4.79 11.95 11.31
CA MET A 103 -6.11 11.72 10.74
C MET A 103 -6.71 10.44 11.31
N LEU A 104 -5.91 9.39 11.43
CA LEU A 104 -6.47 8.15 11.98
C LEU A 104 -6.81 8.31 13.45
N GLN A 105 -5.96 9.04 14.19
CA GLN A 105 -6.21 9.28 15.60
C GLN A 105 -7.48 10.11 15.79
N ASP A 106 -7.73 11.08 14.90
CA ASP A 106 -8.97 11.84 15.02
C ASP A 106 -10.15 10.90 14.90
N VAL A 107 -10.07 9.93 13.97
CA VAL A 107 -11.16 8.96 13.89
C VAL A 107 -11.30 8.23 15.22
N PHE A 108 -10.18 7.73 15.74
CA PHE A 108 -10.19 7.01 17.01
C PHE A 108 -10.73 7.84 18.16
N GLU A 109 -10.21 9.05 18.35
CA GLU A 109 -10.59 9.85 19.51
C GLU A 109 -12.06 10.23 19.47
N THR A 110 -12.56 10.59 18.27
CA THR A 110 -13.98 10.90 18.17
C THR A 110 -14.83 9.70 18.57
N HIS A 111 -14.49 8.52 18.07
CA HIS A 111 -15.30 7.36 18.41
C HIS A 111 -15.13 6.92 19.86
N PHE A 112 -13.93 6.99 20.40
CA PHE A 112 -13.73 6.53 21.77
C PHE A 112 -14.44 7.45 22.75
N SER A 113 -14.47 8.76 22.46
CA SER A 113 -15.16 9.66 23.35
C SER A 113 -16.66 9.34 23.51
N LYS A 114 -17.25 8.53 22.63
CA LYS A 114 -18.67 8.28 22.88
C LYS A 114 -18.93 7.15 23.87
N ILE A 115 -18.00 6.20 24.03
CA ILE A 115 -18.21 5.04 24.90
C ILE A 115 -18.74 5.57 26.25
N PRO A 116 -19.78 4.99 26.85
CA PRO A 116 -20.13 5.52 28.18
C PRO A 116 -19.08 5.28 29.27
N ALA B 2 -28.32 -8.78 10.62
CA ALA B 2 -29.44 -7.90 10.23
C ALA B 2 -29.03 -6.49 10.54
N ALA B 3 -29.70 -5.49 9.95
CA ALA B 3 -29.28 -4.07 10.09
C ALA B 3 -27.97 -3.94 9.33
N SER B 4 -26.96 -4.73 9.70
CA SER B 4 -25.72 -4.72 8.93
C SER B 4 -25.93 -5.31 7.53
N THR B 5 -26.57 -6.49 7.48
CA THR B 5 -26.91 -7.09 6.19
C THR B 5 -27.79 -6.15 5.36
N VAL B 6 -28.73 -5.45 6.00
CA VAL B 6 -29.57 -4.49 5.28
C VAL B 6 -28.72 -3.36 4.70
N LYS B 7 -27.80 -2.82 5.50
CA LYS B 7 -26.99 -1.71 5.02
C LYS B 7 -26.17 -2.15 3.82
N VAL B 8 -25.48 -3.29 3.95
CA VAL B 8 -24.65 -3.80 2.86
C VAL B 8 -25.50 -4.13 1.63
N THR B 9 -26.71 -4.67 1.83
CA THR B 9 -27.55 -5.02 0.69
C THR B 9 -27.97 -3.76 -0.04
N GLU B 10 -28.36 -2.72 0.70
CA GLU B 10 -28.68 -1.45 0.07
C GLU B 10 -27.48 -0.92 -0.71
N GLN B 11 -26.28 -1.03 -0.14
CA GLN B 11 -25.10 -0.54 -0.83
C GLN B 11 -24.90 -1.30 -2.13
N LEU B 12 -25.08 -2.62 -2.10
CA LEU B 12 -24.91 -3.41 -3.31
C LEU B 12 -26.00 -3.15 -4.33
N ARG B 13 -27.21 -2.81 -3.90
CA ARG B 13 -28.22 -2.44 -4.88
C ARG B 13 -27.82 -1.16 -5.60
N HIS B 14 -27.26 -0.20 -4.85
CA HIS B 14 -26.71 0.99 -5.49
C HIS B 14 -25.57 0.66 -6.45
N CYS B 15 -24.68 -0.26 -6.04
CA CYS B 15 -23.62 -0.72 -6.94
C CYS B 15 -24.20 -1.26 -8.23
N SER B 16 -25.28 -2.04 -8.15
CA SER B 16 -25.92 -2.57 -9.35
C SER B 16 -26.44 -1.42 -10.21
N GLU B 17 -26.98 -0.38 -9.57
CA GLU B 17 -27.45 0.78 -10.33
C GLU B 17 -26.29 1.44 -11.05
N ILE B 18 -25.13 1.50 -10.39
CA ILE B 18 -23.96 2.14 -10.98
C ILE B 18 -23.47 1.32 -12.16
N LEU B 19 -23.46 -0.01 -12.04
CA LEU B 19 -23.07 -0.84 -13.16
C LEU B 19 -24.01 -0.66 -14.35
N LYS B 20 -25.32 -0.60 -14.09
CA LYS B 20 -26.25 -0.36 -15.20
C LYS B 20 -26.02 1.01 -15.81
N GLU B 21 -25.68 2.00 -14.99
CA GLU B 21 -25.37 3.33 -15.51
C GLU B 21 -24.16 3.29 -16.42
N MET B 22 -23.12 2.54 -16.02
CA MET B 22 -21.95 2.48 -16.86
C MET B 22 -22.24 1.73 -18.15
N LEU B 23 -23.19 0.80 -18.12
CA LEU B 23 -23.60 0.09 -19.33
C LEU B 23 -24.70 0.83 -20.11
N ALA B 24 -25.30 1.85 -19.52
CA ALA B 24 -26.31 2.72 -20.14
C ALA B 24 -25.71 3.39 -21.37
N LYS B 25 -26.55 4.07 -22.14
CA LYS B 25 -26.09 4.52 -23.43
C LYS B 25 -25.86 6.02 -23.44
N LYS B 26 -26.09 6.69 -22.31
CA LYS B 26 -25.48 7.98 -22.10
C LYS B 26 -23.97 7.89 -22.11
N HIS B 27 -23.41 6.73 -21.76
CA HIS B 27 -21.97 6.61 -21.72
C HIS B 27 -21.40 5.77 -22.85
N PHE B 28 -22.20 5.24 -23.76
CA PHE B 28 -21.65 4.29 -24.76
C PHE B 28 -20.41 4.79 -25.48
N SER B 29 -20.36 6.07 -25.84
CA SER B 29 -19.28 6.56 -26.69
C SER B 29 -17.92 6.29 -26.09
N TYR B 30 -17.81 6.27 -24.78
CA TYR B 30 -16.51 5.98 -24.19
C TYR B 30 -16.50 4.71 -23.37
N ALA B 31 -17.66 4.11 -23.11
CA ALA B 31 -17.68 2.89 -22.30
C ALA B 31 -17.56 1.62 -23.12
N TRP B 32 -17.89 1.66 -24.40
CA TRP B 32 -17.97 0.43 -25.18
C TRP B 32 -16.71 -0.44 -25.19
N PRO B 33 -15.48 0.09 -25.12
CA PRO B 33 -14.32 -0.82 -25.08
C PRO B 33 -14.25 -1.66 -23.81
N PHE B 34 -15.07 -1.34 -22.80
CA PHE B 34 -15.04 -1.99 -21.50
C PHE B 34 -16.24 -2.89 -21.31
N TYR B 35 -17.04 -3.08 -22.36
CA TYR B 35 -18.28 -3.84 -22.25
C TYR B 35 -17.93 -5.32 -22.12
N ASN B 36 -16.91 -5.77 -22.82
CA ASN B 36 -16.51 -7.14 -23.03
C ASN B 36 -15.02 -7.30 -22.74
N PRO B 37 -14.57 -8.51 -22.39
CA PRO B 37 -13.13 -8.75 -22.20
C PRO B 37 -12.32 -8.41 -23.43
N VAL B 38 -11.09 -7.94 -23.20
CA VAL B 38 -10.20 -7.67 -24.32
C VAL B 38 -9.99 -8.95 -25.10
N ASP B 39 -10.27 -8.89 -26.40
CA ASP B 39 -9.96 -9.97 -27.33
C ASP B 39 -8.57 -9.75 -27.92
N VAL B 40 -7.54 -10.29 -27.25
CA VAL B 40 -6.18 -9.96 -27.66
C VAL B 40 -5.93 -10.41 -29.08
N ASN B 41 -6.55 -11.53 -29.48
CA ASN B 41 -6.31 -12.08 -30.80
C ASN B 41 -6.96 -11.22 -31.87
N ALA B 42 -8.23 -10.85 -31.66
CA ALA B 42 -8.92 -9.98 -32.59
C ALA B 42 -8.23 -8.62 -32.70
N LEU B 43 -7.71 -8.13 -31.59
CA LEU B 43 -7.08 -6.83 -31.58
C LEU B 43 -5.60 -6.85 -31.99
N GLY B 44 -4.96 -8.00 -32.20
CA GLY B 44 -3.58 -7.91 -32.62
C GLY B 44 -2.57 -7.56 -31.55
N LEU B 45 -2.87 -7.88 -30.29
CA LEU B 45 -2.16 -7.44 -29.08
C LEU B 45 -1.26 -8.57 -28.59
N HIS B 46 0.00 -8.55 -29.04
CA HIS B 46 0.95 -9.63 -28.79
C HIS B 46 1.34 -9.85 -27.35
N ASN B 47 1.05 -8.96 -26.39
CA ASN B 47 1.53 -9.30 -25.04
C ASN B 47 0.66 -8.68 -23.94
N TYR B 48 -0.66 -8.61 -24.16
CA TYR B 48 -1.54 -7.91 -23.21
C TYR B 48 -1.51 -8.60 -21.85
N TYR B 49 -1.57 -9.94 -21.84
CA TYR B 49 -1.63 -10.71 -20.62
C TYR B 49 -0.29 -10.72 -19.89
N ASP B 50 0.78 -10.35 -20.56
CA ASP B 50 2.07 -10.19 -19.88
C ASP B 50 2.06 -8.96 -18.97
N VAL B 51 1.41 -7.90 -19.44
CA VAL B 51 1.27 -6.64 -18.71
C VAL B 51 0.13 -6.72 -17.70
N VAL B 52 -0.98 -7.28 -18.12
CA VAL B 52 -2.24 -7.31 -17.38
C VAL B 52 -2.34 -8.70 -16.77
N LYS B 53 -2.11 -8.80 -15.47
CA LYS B 53 -2.07 -10.09 -14.82
C LYS B 53 -3.45 -10.63 -14.51
N ASN B 54 -4.41 -9.72 -14.31
CA ASN B 54 -5.80 -10.01 -13.98
C ASN B 54 -6.76 -9.19 -14.83
N PRO B 55 -7.06 -9.63 -16.04
CA PRO B 55 -8.00 -8.87 -16.89
C PRO B 55 -9.38 -8.75 -16.25
N MET B 56 -10.04 -7.63 -16.54
CA MET B 56 -11.38 -7.35 -16.03
C MET B 56 -12.12 -6.47 -17.04
N ASP B 57 -13.44 -6.62 -17.06
CA ASP B 57 -14.31 -5.84 -17.94
C ASP B 57 -15.70 -5.76 -17.34
N LEU B 58 -16.51 -4.82 -17.86
CA LEU B 58 -17.82 -4.55 -17.28
C LEU B 58 -18.79 -5.72 -17.42
N GLY B 59 -18.73 -6.44 -18.55
CA GLY B 59 -19.60 -7.59 -18.72
C GLY B 59 -19.29 -8.66 -17.70
N THR B 60 -18.00 -8.89 -17.47
CA THR B 60 -17.56 -9.85 -16.46
C THR B 60 -18.01 -9.39 -15.07
N ILE B 61 -17.82 -8.11 -14.77
CA ILE B 61 -18.25 -7.56 -13.49
C ILE B 61 -19.77 -7.73 -13.29
N LYS B 62 -20.56 -7.53 -14.35
CA LYS B 62 -22.00 -7.73 -14.23
C LYS B 62 -22.34 -9.16 -13.91
N GLU B 63 -21.68 -10.08 -14.59
CA GLU B 63 -21.94 -11.49 -14.34
C GLU B 63 -21.53 -11.88 -12.91
N LYS B 64 -20.43 -11.32 -12.40
CA LYS B 64 -20.04 -11.54 -11.02
C LYS B 64 -21.07 -10.96 -10.05
N MET B 65 -21.59 -9.77 -10.37
CA MET B 65 -22.59 -9.07 -9.56
C MET B 65 -23.94 -9.78 -9.61
N ASP B 66 -24.33 -10.30 -10.78
CA ASP B 66 -25.59 -11.03 -10.87
C ASP B 66 -25.51 -12.32 -10.06
N ASN B 67 -24.28 -12.84 -9.87
CA ASN B 67 -23.98 -14.04 -9.10
C ASN B 67 -23.57 -13.80 -7.66
N GLN B 68 -23.86 -12.65 -7.06
CA GLN B 68 -23.70 -12.48 -5.62
C GLN B 68 -22.23 -12.54 -5.20
N GLU B 69 -21.28 -12.28 -6.10
CA GLU B 69 -19.87 -12.59 -5.82
C GLU B 69 -19.17 -11.46 -5.09
N TYR B 70 -19.76 -10.26 -5.13
CA TYR B 70 -19.25 -9.07 -4.46
C TYR B 70 -19.94 -9.07 -3.10
N LYS B 71 -19.14 -9.17 -2.04
CA LYS B 71 -19.68 -9.22 -0.70
C LYS B 71 -19.88 -7.85 -0.06
N ASP B 72 -19.27 -6.80 -0.62
CA ASP B 72 -19.40 -5.42 -0.16
C ASP B 72 -19.19 -4.51 -1.37
N ALA B 73 -19.58 -3.24 -1.24
CA ALA B 73 -19.47 -2.33 -2.38
C ALA B 73 -18.00 -2.11 -2.74
N TYR B 74 -17.10 -2.28 -1.78
CA TYR B 74 -15.68 -2.04 -2.03
C TYR B 74 -15.03 -3.19 -2.82
N LYS B 75 -15.50 -4.43 -2.65
CA LYS B 75 -15.05 -5.50 -3.54
C LYS B 75 -15.49 -5.26 -4.98
N PHE B 76 -16.72 -4.77 -5.18
CA PHE B 76 -17.18 -4.36 -6.50
C PHE B 76 -16.28 -3.27 -7.09
N ALA B 77 -16.03 -2.23 -6.30
CA ALA B 77 -15.23 -1.11 -6.77
C ALA B 77 -13.83 -1.56 -7.13
N ALA B 78 -13.28 -2.55 -6.42
CA ALA B 78 -11.93 -2.99 -6.75
C ALA B 78 -11.88 -3.64 -8.14
N ASP B 79 -12.94 -4.33 -8.56
CA ASP B 79 -12.93 -4.89 -9.92
C ASP B 79 -13.07 -3.81 -10.98
N VAL B 80 -13.92 -2.80 -10.72
CA VAL B 80 -14.04 -1.70 -11.69
C VAL B 80 -12.70 -0.98 -11.84
N ARG B 81 -12.08 -0.66 -10.71
CA ARG B 81 -10.82 0.07 -10.74
C ARG B 81 -9.72 -0.77 -11.37
N LEU B 82 -9.78 -2.09 -11.17
CA LEU B 82 -8.85 -3.00 -11.85
C LEU B 82 -8.99 -2.88 -13.36
N MET B 83 -10.24 -2.85 -13.86
CA MET B 83 -10.45 -2.69 -15.30
C MET B 83 -9.74 -1.45 -15.83
N PHE B 84 -9.84 -0.35 -15.09
CA PHE B 84 -9.17 0.87 -15.56
C PHE B 84 -7.65 0.75 -15.44
N MET B 85 -7.18 0.21 -14.33
CA MET B 85 -5.73 0.05 -14.14
C MET B 85 -5.15 -0.77 -15.28
N ASN B 86 -5.86 -1.79 -15.73
CA ASN B 86 -5.38 -2.60 -16.85
C ASN B 86 -5.25 -1.74 -18.10
N CYS B 87 -6.26 -0.91 -18.36
CA CYS B 87 -6.17 -0.01 -19.51
C CYS B 87 -4.96 0.91 -19.41
N TYR B 88 -4.73 1.50 -18.23
CA TYR B 88 -3.61 2.43 -18.06
C TYR B 88 -2.27 1.73 -18.09
N LYS B 89 -2.21 0.47 -17.67
CA LYS B 89 -0.96 -0.28 -17.67
C LYS B 89 -0.55 -0.67 -19.09
N TYR B 90 -1.50 -1.06 -19.94
CA TYR B 90 -1.08 -1.57 -21.23
C TYR B 90 -0.74 -0.46 -22.21
N ASN B 91 -1.47 0.64 -22.16
CA ASN B 91 -1.44 1.66 -23.20
C ASN B 91 -0.59 2.86 -22.79
N PRO B 92 0.05 3.50 -23.77
CA PRO B 92 0.70 4.79 -23.50
C PRO B 92 -0.32 5.84 -23.13
N PRO B 93 0.06 6.81 -22.28
CA PRO B 93 -0.94 7.76 -21.75
C PRO B 93 -1.62 8.65 -22.79
N ASP B 94 -1.06 8.77 -23.99
CA ASP B 94 -1.57 9.60 -25.08
C ASP B 94 -2.58 8.87 -25.96
N HIS B 95 -2.87 7.60 -25.65
CA HIS B 95 -3.79 6.77 -26.41
C HIS B 95 -5.25 7.11 -26.13
N GLU B 96 -6.06 7.09 -27.20
CA GLU B 96 -7.48 7.45 -27.08
C GLU B 96 -8.23 6.56 -26.09
N VAL B 97 -7.82 5.29 -25.97
CA VAL B 97 -8.54 4.41 -25.05
C VAL B 97 -8.32 4.86 -23.62
N VAL B 98 -7.16 5.46 -23.35
CA VAL B 98 -6.86 5.94 -22.02
C VAL B 98 -7.73 7.15 -21.68
N THR B 99 -7.89 8.07 -22.64
CA THR B 99 -8.85 9.16 -22.45
C THR B 99 -10.24 8.61 -22.16
N MET B 100 -10.67 7.57 -22.88
CA MET B 100 -12.01 7.01 -22.63
C MET B 100 -12.09 6.36 -21.26
N ALA B 101 -11.05 5.60 -20.88
CA ALA B 101 -11.01 5.03 -19.54
C ALA B 101 -11.12 6.12 -18.49
N ARG B 102 -10.40 7.21 -18.68
CA ARG B 102 -10.42 8.32 -17.75
C ARG B 102 -11.82 8.94 -17.67
N MET B 103 -12.50 9.05 -18.81
CA MET B 103 -13.85 9.61 -18.81
C MET B 103 -14.82 8.69 -18.09
N LEU B 104 -14.74 7.38 -18.36
CA LEU B 104 -15.66 6.45 -17.71
C LEU B 104 -15.35 6.34 -16.23
N GLN B 105 -14.07 6.35 -15.87
CA GLN B 105 -13.71 6.29 -14.46
C GLN B 105 -14.19 7.51 -13.71
N ASP B 106 -14.10 8.70 -14.33
CA ASP B 106 -14.64 9.87 -13.66
C ASP B 106 -16.13 9.68 -13.41
N VAL B 107 -16.83 9.14 -14.40
CA VAL B 107 -18.26 8.87 -14.22
C VAL B 107 -18.44 7.88 -13.06
N PHE B 108 -17.69 6.77 -13.09
CA PHE B 108 -17.78 5.75 -12.05
C PHE B 108 -17.47 6.28 -10.65
N GLU B 109 -16.36 6.98 -10.49
CA GLU B 109 -15.96 7.40 -9.16
C GLU B 109 -16.96 8.40 -8.62
N THR B 110 -17.45 9.29 -9.49
CA THR B 110 -18.47 10.22 -9.05
C THR B 110 -19.68 9.48 -8.54
N HIS B 111 -20.13 8.46 -9.27
CA HIS B 111 -21.31 7.73 -8.81
C HIS B 111 -21.03 6.91 -7.55
N PHE B 112 -19.85 6.28 -7.44
CA PHE B 112 -19.62 5.47 -6.26
C PHE B 112 -19.47 6.31 -4.99
N SER B 113 -18.80 7.46 -5.09
CA SER B 113 -18.66 8.34 -3.93
C SER B 113 -19.98 8.89 -3.43
N LYS B 114 -21.02 8.81 -4.26
CA LYS B 114 -22.37 9.27 -4.02
C LYS B 114 -23.28 8.27 -3.32
N ILE B 115 -22.96 6.97 -3.31
CA ILE B 115 -23.86 5.96 -2.76
C ILE B 115 -24.41 6.59 -1.49
N PRO B 116 -25.72 6.51 -1.28
CA PRO B 116 -26.31 7.06 -0.05
C PRO B 116 -25.91 6.40 1.24
N ILE B 117 -26.05 7.20 2.29
CA ILE B 117 -26.00 6.78 3.66
C ILE B 117 -27.44 6.71 4.14
N VAL C 6 31.10 -11.76 -12.18
CA VAL C 6 30.51 -12.95 -12.79
C VAL C 6 30.53 -14.01 -11.69
N LYS C 7 31.69 -14.07 -11.01
CA LYS C 7 31.91 -15.04 -9.94
C LYS C 7 30.90 -14.80 -8.83
N VAL C 8 30.75 -13.54 -8.44
CA VAL C 8 29.86 -13.15 -7.37
C VAL C 8 28.43 -13.55 -7.72
N THR C 9 28.04 -13.44 -9.00
CA THR C 9 26.67 -13.81 -9.36
C THR C 9 26.42 -15.30 -9.19
N GLU C 10 27.35 -16.15 -9.68
CA GLU C 10 27.20 -17.59 -9.48
C GLU C 10 27.16 -17.94 -7.99
N GLN C 11 28.05 -17.32 -7.21
CA GLN C 11 28.10 -17.57 -5.77
C GLN C 11 26.80 -17.13 -5.11
N LEU C 12 26.22 -16.01 -5.54
CA LEU C 12 24.97 -15.58 -4.92
C LEU C 12 23.85 -16.54 -5.28
N ARG C 13 23.92 -17.19 -6.45
CA ARG C 13 22.94 -18.23 -6.72
C ARG C 13 23.13 -19.38 -5.74
N HIS C 14 24.39 -19.67 -5.42
CA HIS C 14 24.69 -20.66 -4.38
C HIS C 14 24.10 -20.23 -3.02
N CYS C 15 24.27 -18.95 -2.67
CA CYS C 15 23.67 -18.41 -1.45
C CYS C 15 22.15 -18.56 -1.42
N SER C 16 21.50 -18.28 -2.56
CA SER C 16 20.05 -18.43 -2.64
C SER C 16 19.65 -19.88 -2.42
N GLU C 17 20.41 -20.82 -2.96
CA GLU C 17 20.12 -22.24 -2.73
C GLU C 17 20.29 -22.59 -1.26
N ILE C 18 21.29 -21.99 -0.60
CA ILE C 18 21.52 -22.28 0.81
C ILE C 18 20.36 -21.75 1.64
N LEU C 19 19.88 -20.56 1.30
CA LEU C 19 18.71 -19.99 1.99
C LEU C 19 17.48 -20.86 1.78
N LYS C 20 17.28 -21.36 0.56
CA LYS C 20 16.17 -22.25 0.28
C LYS C 20 16.27 -23.55 1.06
N GLU C 21 17.49 -24.07 1.22
CA GLU C 21 17.68 -25.27 2.03
C GLU C 21 17.32 -25.01 3.48
N MET C 22 17.69 -23.85 3.99
CA MET C 22 17.40 -23.53 5.38
C MET C 22 15.92 -23.35 5.60
N LEU C 23 15.18 -22.95 4.57
CA LEU C 23 13.74 -22.83 4.64
C LEU C 23 13.01 -24.11 4.28
N ALA C 24 13.73 -25.11 3.77
CA ALA C 24 13.16 -26.43 3.46
C ALA C 24 12.58 -27.03 4.74
N LYS C 25 11.85 -28.13 4.61
CA LYS C 25 11.09 -28.59 5.76
C LYS C 25 11.71 -29.82 6.39
N LYS C 26 12.85 -30.28 5.85
CA LYS C 26 13.74 -31.10 6.65
C LYS C 26 14.24 -30.38 7.88
N HIS C 27 14.27 -29.07 7.87
CA HIS C 27 14.81 -28.36 9.01
C HIS C 27 13.72 -27.78 9.89
N PHE C 28 12.47 -28.19 9.65
CA PHE C 28 11.38 -27.49 10.31
C PHE C 28 11.53 -27.53 11.81
N SER C 29 11.97 -28.68 12.32
CA SER C 29 11.98 -28.93 13.75
C SER C 29 12.79 -27.89 14.50
N TYR C 30 13.84 -27.35 13.90
CA TYR C 30 14.61 -26.32 14.56
C TYR C 30 14.60 -24.99 13.83
N ALA C 31 14.08 -24.93 12.61
CA ALA C 31 14.12 -23.65 11.91
C ALA C 31 12.90 -22.76 12.13
N TRP C 32 11.75 -23.33 12.51
CA TRP C 32 10.54 -22.53 12.53
C TRP C 32 10.55 -21.26 13.39
N PRO C 33 11.27 -21.16 14.53
CA PRO C 33 11.25 -19.88 15.25
C PRO C 33 11.95 -18.75 14.50
N PHE C 34 12.65 -19.07 13.41
CA PHE C 34 13.46 -18.15 12.63
C PHE C 34 12.82 -17.83 11.29
N TYR C 35 11.59 -18.26 11.06
CA TYR C 35 10.96 -18.07 9.76
C TYR C 35 10.56 -16.60 9.59
N ASN C 36 10.10 -16.00 10.67
CA ASN C 36 9.48 -14.68 10.77
C ASN C 36 10.12 -13.89 11.91
N PRO C 37 10.05 -12.56 11.84
CA PRO C 37 10.56 -11.71 12.92
C PRO C 37 9.93 -12.01 14.28
N VAL C 38 10.73 -11.82 15.33
CA VAL C 38 10.18 -11.99 16.66
C VAL C 38 9.02 -11.01 16.81
N ASP C 39 7.87 -11.55 17.20
CA ASP C 39 6.70 -10.76 17.55
C ASP C 39 6.74 -10.45 19.04
N VAL C 40 7.33 -9.32 19.38
CA VAL C 40 7.58 -9.04 20.79
C VAL C 40 6.25 -9.04 21.52
N ASN C 41 5.19 -8.59 20.84
CA ASN C 41 3.89 -8.47 21.47
C ASN C 41 3.25 -9.83 21.72
N ALA C 42 3.25 -10.70 20.70
CA ALA C 42 2.72 -12.05 20.84
C ALA C 42 3.47 -12.85 21.90
N LEU C 43 4.79 -12.68 21.97
CA LEU C 43 5.59 -13.44 22.91
C LEU C 43 5.71 -12.85 24.31
N GLY C 44 5.21 -11.64 24.58
CA GLY C 44 5.34 -11.17 25.95
C GLY C 44 6.72 -10.68 26.37
N LEU C 45 7.54 -10.22 25.41
CA LEU C 45 8.97 -9.92 25.61
C LEU C 45 9.29 -8.43 25.73
N HIS C 46 9.05 -7.88 26.93
CA HIS C 46 9.22 -6.45 27.13
C HIS C 46 10.68 -6.00 27.03
N ASN C 47 11.66 -6.92 27.00
CA ASN C 47 13.08 -6.59 26.93
C ASN C 47 13.75 -6.86 25.58
N TYR C 48 13.03 -7.30 24.55
CA TYR C 48 13.76 -7.77 23.37
C TYR C 48 14.55 -6.66 22.66
N TYR C 49 13.92 -5.50 22.43
CA TYR C 49 14.53 -4.40 21.70
C TYR C 49 15.60 -3.65 22.48
N ASP C 50 15.65 -3.81 23.79
CA ASP C 50 16.77 -3.22 24.51
C ASP C 50 18.05 -3.98 24.16
N VAL C 51 17.94 -5.30 24.02
CA VAL C 51 19.09 -6.13 23.66
C VAL C 51 19.33 -6.17 22.15
N VAL C 52 18.27 -6.37 21.35
CA VAL C 52 18.40 -6.62 19.92
C VAL C 52 18.02 -5.36 19.14
N LYS C 53 19.02 -4.62 18.65
CA LYS C 53 18.73 -3.35 18.00
C LYS C 53 18.34 -3.55 16.54
N ASN C 54 18.81 -4.64 15.93
CA ASN C 54 18.58 -4.95 14.52
C ASN C 54 18.07 -6.38 14.36
N PRO C 55 16.77 -6.58 14.54
CA PRO C 55 16.20 -7.92 14.37
C PRO C 55 16.38 -8.45 12.96
N MET C 56 16.51 -9.76 12.85
CA MET C 56 16.70 -10.41 11.56
C MET C 56 16.07 -11.79 11.62
N ASP C 57 15.57 -12.24 10.47
CA ASP C 57 14.94 -13.54 10.33
C ASP C 57 15.03 -14.00 8.89
N LEU C 58 14.78 -15.31 8.68
CA LEU C 58 14.94 -15.89 7.35
C LEU C 58 13.96 -15.32 6.34
N GLY C 59 12.74 -14.99 6.76
CA GLY C 59 11.80 -14.40 5.82
C GLY C 59 12.30 -13.07 5.29
N THR C 60 12.85 -12.24 6.19
CA THR C 60 13.42 -10.96 5.76
C THR C 60 14.62 -11.18 4.85
N ILE C 61 15.51 -12.11 5.22
CA ILE C 61 16.66 -12.41 4.37
C ILE C 61 16.19 -12.86 3.01
N LYS C 62 15.14 -13.67 2.96
CA LYS C 62 14.62 -14.12 1.69
C LYS C 62 14.12 -12.97 0.85
N GLU C 63 13.41 -12.05 1.46
CA GLU C 63 12.94 -10.93 0.68
C GLU C 63 14.09 -10.07 0.15
N LYS C 64 15.13 -9.89 0.97
CA LYS C 64 16.31 -9.16 0.50
C LYS C 64 16.99 -9.93 -0.63
N MET C 65 17.07 -11.25 -0.49
CA MET C 65 17.70 -12.08 -1.51
C MET C 65 16.86 -12.13 -2.77
N ASP C 66 15.53 -12.24 -2.63
CA ASP C 66 14.71 -12.26 -3.82
C ASP C 66 14.75 -10.93 -4.56
N ASN C 67 14.95 -9.82 -3.85
CA ASN C 67 15.06 -8.54 -4.55
C ASN C 67 16.50 -8.08 -4.78
N GLN C 68 17.47 -8.98 -4.76
CA GLN C 68 18.81 -8.63 -5.22
C GLN C 68 19.57 -7.68 -4.31
N GLU C 69 19.23 -7.62 -3.00
CA GLU C 69 19.68 -6.58 -2.05
C GLU C 69 21.04 -6.86 -1.42
N TYR C 70 21.53 -8.10 -1.52
CA TYR C 70 22.83 -8.54 -1.01
C TYR C 70 23.79 -8.36 -2.17
N LYS C 71 24.83 -7.53 -1.98
CA LYS C 71 25.70 -7.34 -3.13
C LYS C 71 26.84 -8.36 -3.21
N ASP C 72 27.11 -9.12 -2.18
CA ASP C 72 28.10 -10.18 -2.26
C ASP C 72 27.64 -11.21 -1.25
N ALA C 73 28.18 -12.40 -1.36
CA ALA C 73 27.77 -13.48 -0.48
C ALA C 73 28.13 -13.16 0.95
N TYR C 74 29.13 -12.29 1.16
CA TYR C 74 29.58 -12.02 2.50
C TYR C 74 28.56 -11.15 3.26
N LYS C 75 27.85 -10.25 2.56
CA LYS C 75 26.73 -9.51 3.17
C LYS C 75 25.55 -10.42 3.55
N PHE C 76 25.22 -11.38 2.68
CA PHE C 76 24.18 -12.36 3.00
C PHE C 76 24.57 -13.13 4.25
N ALA C 77 25.80 -13.64 4.29
CA ALA C 77 26.23 -14.42 5.43
C ALA C 77 26.17 -13.56 6.69
N ALA C 78 26.48 -12.26 6.56
CA ALA C 78 26.43 -11.41 7.74
C ALA C 78 25.01 -11.27 8.27
N ASP C 79 24.01 -11.27 7.37
CA ASP C 79 22.63 -11.20 7.87
C ASP C 79 22.19 -12.50 8.54
N VAL C 80 22.58 -13.64 7.98
CA VAL C 80 22.24 -14.91 8.62
C VAL C 80 22.90 -15.02 10.00
N ARG C 81 24.20 -14.69 10.07
CA ARG C 81 24.92 -14.83 11.32
C ARG C 81 24.38 -13.84 12.33
N LEU C 82 23.95 -12.66 11.87
CA LEU C 82 23.28 -11.69 12.74
C LEU C 82 22.00 -12.27 13.35
N MET C 83 21.18 -12.93 12.55
CA MET C 83 19.96 -13.56 13.06
C MET C 83 20.30 -14.49 14.23
N PHE C 84 21.38 -15.28 14.05
CA PHE C 84 21.75 -16.19 15.13
C PHE C 84 22.26 -15.38 16.32
N MET C 85 23.10 -14.38 16.06
CA MET C 85 23.64 -13.53 17.11
C MET C 85 22.54 -12.88 17.94
N ASN C 86 21.45 -12.43 17.29
CA ASN C 86 20.35 -11.85 18.04
C ASN C 86 19.77 -12.87 19.00
N CYS C 87 19.56 -14.09 18.49
CA CYS C 87 19.05 -15.15 19.36
C CYS C 87 19.98 -15.40 20.55
N TYR C 88 21.29 -15.50 20.29
CA TYR C 88 22.24 -15.81 21.35
C TYR C 88 22.37 -14.64 22.33
N LYS C 89 22.16 -13.41 21.86
CA LYS C 89 22.26 -12.26 22.74
C LYS C 89 21.06 -12.20 23.69
N TYR C 90 19.85 -12.51 23.19
CA TYR C 90 18.70 -12.31 24.06
C TYR C 90 18.52 -13.45 25.05
N ASN C 91 18.79 -14.68 24.65
CA ASN C 91 18.38 -15.82 25.47
C ASN C 91 19.55 -16.38 26.28
N PRO C 92 19.24 -16.92 27.47
CA PRO C 92 20.23 -17.64 28.23
C PRO C 92 20.72 -18.88 27.49
N PRO C 93 21.98 -19.29 27.71
CA PRO C 93 22.53 -20.37 26.88
C PRO C 93 21.83 -21.70 27.06
N ASP C 94 21.06 -21.90 28.14
CA ASP C 94 20.36 -23.15 28.40
C ASP C 94 18.98 -23.18 27.77
N HIS C 95 18.58 -22.10 27.09
CA HIS C 95 17.27 -22.05 26.48
C HIS C 95 17.22 -22.88 25.21
N GLU C 96 16.09 -23.57 25.04
CA GLU C 96 15.93 -24.47 23.90
C GLU C 96 16.11 -23.74 22.59
N VAL C 97 15.75 -22.45 22.56
CA VAL C 97 15.89 -21.70 21.33
C VAL C 97 17.35 -21.49 20.97
N VAL C 98 18.25 -21.41 21.96
CA VAL C 98 19.66 -21.21 21.65
C VAL C 98 20.24 -22.48 21.04
N THR C 99 19.91 -23.63 21.62
CA THR C 99 20.26 -24.90 21.02
C THR C 99 19.74 -25.01 19.58
N MET C 100 18.50 -24.58 19.33
CA MET C 100 17.95 -24.67 17.98
C MET C 100 18.71 -23.76 17.00
N ALA C 101 18.99 -22.53 17.44
CA ALA C 101 19.81 -21.61 16.65
C ALA C 101 21.17 -22.22 16.33
N ARG C 102 21.80 -22.84 17.32
CA ARG C 102 23.12 -23.45 17.12
C ARG C 102 23.06 -24.55 16.07
N MET C 103 21.98 -25.33 16.07
CA MET C 103 21.81 -26.40 15.10
C MET C 103 21.62 -25.87 13.68
N LEU C 104 20.80 -24.83 13.53
CA LEU C 104 20.59 -24.30 12.19
C LEU C 104 21.86 -23.62 11.71
N GLN C 105 22.58 -22.98 12.62
CA GLN C 105 23.85 -22.37 12.24
C GLN C 105 24.82 -23.45 11.80
N ASP C 106 24.80 -24.61 12.47
CA ASP C 106 25.69 -25.72 12.02
C ASP C 106 25.39 -25.97 10.54
N VAL C 107 24.11 -26.14 10.20
CA VAL C 107 23.70 -26.40 8.83
C VAL C 107 24.20 -25.30 7.91
N PHE C 108 23.97 -24.05 8.31
CA PHE C 108 24.39 -22.91 7.52
C PHE C 108 25.88 -22.86 7.29
N GLU C 109 26.67 -22.96 8.36
CA GLU C 109 28.10 -22.80 8.23
C GLU C 109 28.71 -23.92 7.40
N THR C 110 28.24 -25.16 7.59
CA THR C 110 28.75 -26.23 6.75
C THR C 110 28.47 -25.96 5.28
N HIS C 111 27.25 -25.53 4.95
CA HIS C 111 26.94 -25.28 3.54
C HIS C 111 27.68 -24.07 3.01
N PHE C 112 27.82 -23.02 3.81
CA PHE C 112 28.47 -21.83 3.31
C PHE C 112 29.97 -22.08 3.09
N SER C 113 30.60 -22.89 3.95
CA SER C 113 32.01 -23.19 3.74
C SER C 113 32.29 -23.88 2.41
N LYS C 114 31.26 -24.47 1.78
CA LYS C 114 31.44 -25.11 0.49
C LYS C 114 31.24 -24.16 -0.69
N ILE C 115 31.31 -22.86 -0.45
CA ILE C 115 31.00 -21.87 -1.48
C ILE C 115 32.33 -21.54 -2.16
N PRO C 116 32.38 -21.47 -3.49
CA PRO C 116 33.63 -21.06 -4.15
C PRO C 116 34.00 -19.61 -3.84
N ILE C 117 35.27 -19.39 -3.54
CA ILE C 117 35.80 -18.04 -3.31
C ILE C 117 37.06 -17.80 -4.15
N SER D 4 -9.57 37.59 -26.43
CA SER D 4 -8.27 37.59 -27.08
C SER D 4 -7.51 36.31 -26.74
N THR D 5 -6.20 36.45 -26.53
CA THR D 5 -5.38 35.32 -26.04
C THR D 5 -5.50 35.36 -24.52
N VAL D 6 -6.22 36.35 -23.99
CA VAL D 6 -6.37 36.54 -22.51
C VAL D 6 -7.25 35.42 -21.97
N LYS D 7 -8.13 34.86 -22.78
CA LYS D 7 -8.94 33.73 -22.35
C LYS D 7 -8.05 32.58 -21.94
N VAL D 8 -7.11 32.22 -22.81
CA VAL D 8 -6.18 31.13 -22.52
C VAL D 8 -5.35 31.51 -21.31
N THR D 9 -5.04 32.80 -21.20
CA THR D 9 -4.23 33.25 -20.08
C THR D 9 -5.01 33.02 -18.79
N GLU D 10 -6.30 33.38 -18.78
CA GLU D 10 -7.11 33.05 -17.61
C GLU D 10 -7.13 31.56 -17.36
N GLN D 11 -7.25 30.78 -18.43
CA GLN D 11 -7.29 29.34 -18.24
C GLN D 11 -5.99 28.87 -17.61
N LEU D 12 -4.85 29.41 -18.05
CA LEU D 12 -3.61 28.93 -17.44
C LEU D 12 -3.45 29.38 -16.00
N ARG D 13 -3.98 30.55 -15.64
CA ARG D 13 -3.91 30.90 -14.23
C ARG D 13 -4.74 29.93 -13.42
N HIS D 14 -5.86 29.49 -13.98
CA HIS D 14 -6.63 28.44 -13.33
C HIS D 14 -5.81 27.20 -13.10
N CYS D 15 -5.02 26.80 -14.10
CA CYS D 15 -4.16 25.65 -13.93
C CYS D 15 -3.23 25.84 -12.74
N SER D 16 -2.64 27.02 -12.61
CA SER D 16 -1.76 27.25 -11.48
C SER D 16 -2.52 27.14 -10.16
N GLU D 17 -3.75 27.65 -10.12
CA GLU D 17 -4.52 27.55 -8.88
C GLU D 17 -4.81 26.09 -8.55
N ILE D 18 -5.09 25.28 -9.57
CA ILE D 18 -5.35 23.88 -9.31
C ILE D 18 -4.07 23.24 -8.84
N LEU D 19 -2.95 23.64 -9.44
CA LEU D 19 -1.67 23.14 -9.01
C LEU D 19 -1.42 23.49 -7.56
N LYS D 20 -1.73 24.73 -7.16
CA LYS D 20 -1.57 25.10 -5.76
C LYS D 20 -2.49 24.28 -4.87
N GLU D 21 -3.69 24.00 -5.38
CA GLU D 21 -4.63 23.19 -4.64
C GLU D 21 -4.05 21.79 -4.43
N MET D 22 -3.42 21.23 -5.46
CA MET D 22 -2.87 19.89 -5.29
C MET D 22 -1.67 19.92 -4.36
N LEU D 23 -0.94 21.04 -4.32
CA LEU D 23 0.18 21.20 -3.40
C LEU D 23 -0.23 21.77 -2.05
N ALA D 24 -1.45 22.26 -1.94
CA ALA D 24 -1.97 22.75 -0.68
C ALA D 24 -1.91 21.62 0.35
N LYS D 25 -2.13 21.95 1.62
CA LYS D 25 -1.87 20.99 2.65
C LYS D 25 -3.15 20.42 3.24
N LYS D 26 -4.30 20.85 2.72
CA LYS D 26 -5.51 20.05 2.87
C LYS D 26 -5.34 18.68 2.25
N HIS D 27 -4.44 18.57 1.28
CA HIS D 27 -4.21 17.32 0.58
C HIS D 27 -2.91 16.65 1.00
N PHE D 28 -2.25 17.15 2.06
CA PHE D 28 -0.89 16.70 2.32
C PHE D 28 -0.86 15.19 2.53
N SER D 29 -1.87 14.66 3.21
CA SER D 29 -1.90 13.25 3.58
C SER D 29 -1.83 12.29 2.40
N TYR D 30 -2.39 12.65 1.24
CA TYR D 30 -2.30 11.73 0.10
C TYR D 30 -1.55 12.26 -1.10
N ALA D 31 -1.20 13.54 -1.12
CA ALA D 31 -0.52 14.14 -2.24
C ALA D 31 1.00 14.04 -2.12
N TRP D 32 1.49 13.83 -0.90
CA TRP D 32 2.93 13.91 -0.67
C TRP D 32 3.78 12.97 -1.54
N PRO D 33 3.34 11.77 -1.96
CA PRO D 33 4.23 10.98 -2.83
C PRO D 33 4.44 11.57 -4.20
N PHE D 34 3.70 12.61 -4.57
CA PHE D 34 3.74 13.21 -5.89
C PHE D 34 4.38 14.58 -5.89
N TYR D 35 4.96 15.00 -4.76
CA TYR D 35 5.51 16.34 -4.63
C TYR D 35 6.80 16.47 -5.43
N ASN D 36 7.60 15.41 -5.44
CA ASN D 36 8.96 15.31 -5.97
C ASN D 36 9.04 14.08 -6.87
N PRO D 37 9.98 14.05 -7.82
CA PRO D 37 10.15 12.85 -8.66
C PRO D 37 10.43 11.61 -7.83
N VAL D 38 9.94 10.47 -8.34
CA VAL D 38 10.27 9.23 -7.65
C VAL D 38 11.78 9.10 -7.65
N ASP D 39 12.32 8.91 -6.46
CA ASP D 39 13.73 8.62 -6.21
C ASP D 39 13.97 7.12 -6.23
N VAL D 40 14.30 6.59 -7.41
CA VAL D 40 14.35 5.13 -7.54
C VAL D 40 15.37 4.56 -6.57
N ASN D 41 16.48 5.26 -6.31
CA ASN D 41 17.50 4.70 -5.41
C ASN D 41 17.02 4.69 -3.96
N ALA D 42 16.45 5.82 -3.51
CA ALA D 42 15.95 5.88 -2.14
C ALA D 42 14.86 4.83 -1.91
N LEU D 43 14.01 4.61 -2.91
CA LEU D 43 12.95 3.65 -2.74
C LEU D 43 13.37 2.22 -3.05
N GLY D 44 14.57 1.98 -3.57
CA GLY D 44 14.95 0.61 -3.82
C GLY D 44 14.29 0.02 -5.05
N LEU D 45 13.89 0.85 -6.01
CA LEU D 45 13.04 0.43 -7.12
C LEU D 45 13.67 0.20 -8.48
N HIS D 46 14.34 -0.92 -8.66
CA HIS D 46 14.94 -1.05 -9.96
C HIS D 46 13.78 -1.20 -10.95
N ASN D 47 14.09 -1.22 -12.23
CA ASN D 47 13.18 -1.31 -13.38
C ASN D 47 12.15 -0.17 -13.47
N TYR D 48 12.21 0.84 -12.59
CA TYR D 48 11.14 1.85 -12.60
C TYR D 48 11.13 2.55 -13.95
N TYR D 49 12.33 2.92 -14.42
CA TYR D 49 12.48 3.65 -15.66
C TYR D 49 12.22 2.73 -16.85
N ASP D 50 12.24 1.42 -16.63
CA ASP D 50 11.82 0.51 -17.69
C ASP D 50 10.32 0.58 -17.88
N VAL D 51 9.57 0.73 -16.78
CA VAL D 51 8.12 0.83 -16.85
C VAL D 51 7.69 2.25 -17.15
N VAL D 52 8.31 3.22 -16.50
CA VAL D 52 7.90 4.62 -16.56
C VAL D 52 8.90 5.31 -17.48
N LYS D 53 8.48 5.56 -18.72
CA LYS D 53 9.40 6.11 -19.72
C LYS D 53 9.52 7.62 -19.58
N ASN D 54 8.49 8.27 -19.03
CA ASN D 54 8.41 9.72 -18.86
C ASN D 54 7.99 10.04 -17.43
N PRO D 55 8.94 10.03 -16.48
CA PRO D 55 8.58 10.36 -15.11
C PRO D 55 8.03 11.78 -15.00
N MET D 56 7.10 11.96 -14.07
CA MET D 56 6.52 13.27 -13.86
C MET D 56 6.12 13.38 -12.40
N ASP D 57 6.18 14.60 -11.89
CA ASP D 57 5.82 14.92 -10.52
C ASP D 57 5.44 16.39 -10.43
N LEU D 58 4.81 16.73 -9.31
CA LEU D 58 4.27 18.06 -9.14
C LEU D 58 5.36 19.12 -9.10
N GLY D 59 6.53 18.82 -8.53
CA GLY D 59 7.59 19.82 -8.52
C GLY D 59 8.06 20.22 -9.92
N THR D 60 8.24 19.24 -10.81
CA THR D 60 8.59 19.57 -12.19
C THR D 60 7.45 20.33 -12.85
N ILE D 61 6.22 19.89 -12.64
CA ILE D 61 5.08 20.61 -13.21
C ILE D 61 5.10 22.05 -12.73
N LYS D 62 5.41 22.28 -11.45
CA LYS D 62 5.48 23.65 -10.95
C LYS D 62 6.59 24.46 -11.62
N GLU D 63 7.80 23.89 -11.78
CA GLU D 63 8.86 24.65 -12.47
C GLU D 63 8.53 24.89 -13.94
N LYS D 64 7.91 23.90 -14.60
CA LYS D 64 7.47 24.06 -15.98
C LYS D 64 6.42 25.16 -16.06
N MET D 65 5.52 25.21 -15.08
CA MET D 65 4.46 26.21 -15.04
C MET D 65 5.01 27.60 -14.78
N ASP D 66 5.99 27.71 -13.87
CA ASP D 66 6.53 29.04 -13.63
C ASP D 66 7.24 29.55 -14.86
N ASN D 67 7.72 28.64 -15.70
CA ASN D 67 8.49 29.05 -16.91
C ASN D 67 7.57 29.12 -18.13
N GLN D 68 6.25 29.22 -17.92
CA GLN D 68 5.28 29.31 -19.05
C GLN D 68 5.68 28.30 -20.13
N GLU D 69 5.79 27.02 -19.77
CA GLU D 69 6.22 26.01 -20.69
C GLU D 69 4.99 25.33 -21.17
N TYR D 70 3.91 25.53 -20.43
CA TYR D 70 2.62 25.02 -20.81
C TYR D 70 2.06 26.20 -21.59
N LYS D 71 1.84 25.99 -22.88
CA LYS D 71 1.30 26.99 -23.78
C LYS D 71 -0.21 26.90 -23.85
N ASP D 72 -0.74 25.81 -23.32
CA ASP D 72 -2.20 25.56 -23.34
C ASP D 72 -2.54 24.88 -22.00
N ALA D 73 -3.79 24.93 -21.58
CA ALA D 73 -4.19 24.23 -20.36
C ALA D 73 -4.15 22.71 -20.54
N TYR D 74 -4.31 22.24 -21.77
CA TYR D 74 -4.35 20.81 -22.03
C TYR D 74 -2.97 20.17 -21.97
N LYS D 75 -1.92 20.92 -22.32
CA LYS D 75 -0.56 20.43 -22.09
C LYS D 75 -0.27 20.30 -20.60
N PHE D 76 -0.74 21.27 -19.80
CA PHE D 76 -0.62 21.14 -18.35
C PHE D 76 -1.33 19.88 -17.87
N ALA D 77 -2.58 19.70 -18.32
CA ALA D 77 -3.34 18.55 -17.88
C ALA D 77 -2.65 17.27 -18.32
N ALA D 78 -2.00 17.28 -19.48
CA ALA D 78 -1.31 16.09 -19.93
C ALA D 78 -0.13 15.75 -19.03
N ASP D 79 0.55 16.76 -18.48
CA ASP D 79 1.64 16.44 -17.55
C ASP D 79 1.12 15.89 -16.22
N VAL D 80 0.02 16.46 -15.71
CA VAL D 80 -0.57 15.93 -14.47
C VAL D 80 -1.03 14.48 -14.67
N ARG D 81 -1.75 14.25 -15.77
CA ARG D 81 -2.26 12.92 -16.03
C ARG D 81 -1.13 11.93 -16.30
N LEU D 82 -0.03 12.39 -16.91
CA LEU D 82 1.14 11.53 -17.06
C LEU D 82 1.66 11.08 -15.72
N MET D 83 1.75 12.01 -14.76
CA MET D 83 2.19 11.65 -13.41
C MET D 83 1.35 10.52 -12.81
N PHE D 84 0.03 10.61 -12.97
CA PHE D 84 -0.82 9.56 -12.42
C PHE D 84 -0.66 8.25 -13.19
N MET D 85 -0.62 8.33 -14.52
CA MET D 85 -0.45 7.12 -15.33
C MET D 85 0.82 6.40 -14.92
N ASN D 86 1.89 7.13 -14.63
CA ASN D 86 3.13 6.49 -14.19
C ASN D 86 2.88 5.71 -12.91
N CYS D 87 2.17 6.33 -11.97
CA CYS D 87 1.86 5.62 -10.73
C CYS D 87 1.08 4.34 -11.02
N TYR D 88 0.08 4.42 -11.89
CA TYR D 88 -0.76 3.25 -12.19
C TYR D 88 -0.01 2.19 -13.00
N LYS D 89 0.96 2.59 -13.81
CA LYS D 89 1.72 1.62 -14.61
C LYS D 89 2.68 0.83 -13.74
N TYR D 90 3.32 1.50 -12.77
CA TYR D 90 4.38 0.80 -12.04
C TYR D 90 3.81 -0.11 -10.97
N ASN D 91 2.73 0.26 -10.33
CA ASN D 91 2.23 -0.36 -9.12
C ASN D 91 1.07 -1.32 -9.41
N PRO D 92 0.96 -2.37 -8.60
CA PRO D 92 -0.21 -3.24 -8.65
C PRO D 92 -1.46 -2.47 -8.27
N PRO D 93 -2.61 -2.84 -8.84
CA PRO D 93 -3.81 -2.02 -8.61
C PRO D 93 -4.30 -1.99 -7.15
N ASP D 94 -3.87 -2.93 -6.30
CA ASP D 94 -4.28 -2.98 -4.89
C ASP D 94 -3.35 -2.17 -3.99
N HIS D 95 -2.34 -1.54 -4.57
CA HIS D 95 -1.35 -0.78 -3.81
C HIS D 95 -1.84 0.57 -3.32
N GLU D 96 -1.43 0.89 -2.08
CA GLU D 96 -1.88 2.11 -1.41
C GLU D 96 -1.51 3.36 -2.21
N VAL D 97 -0.41 3.32 -2.95
CA VAL D 97 -0.04 4.49 -3.71
C VAL D 97 -1.05 4.72 -4.80
N VAL D 98 -1.67 3.65 -5.30
CA VAL D 98 -2.67 3.78 -6.35
C VAL D 98 -3.93 4.44 -5.81
N THR D 99 -4.39 4.03 -4.62
CA THR D 99 -5.48 4.74 -3.95
C THR D 99 -5.17 6.22 -3.77
N MET D 100 -3.93 6.53 -3.37
CA MET D 100 -3.54 7.92 -3.15
C MET D 100 -3.56 8.69 -4.47
N ALA D 101 -3.02 8.08 -5.51
CA ALA D 101 -3.06 8.63 -6.86
C ALA D 101 -4.50 8.87 -7.32
N ARG D 102 -5.38 7.90 -7.08
CA ARG D 102 -6.78 8.02 -7.48
C ARG D 102 -7.47 9.18 -6.79
N MET D 103 -7.17 9.38 -5.51
CA MET D 103 -7.77 10.47 -4.76
C MET D 103 -7.27 11.82 -5.29
N LEU D 104 -5.96 11.90 -5.56
CA LEU D 104 -5.42 13.15 -6.07
C LEU D 104 -5.92 13.40 -7.48
N GLN D 105 -6.06 12.34 -8.29
CA GLN D 105 -6.57 12.53 -9.63
C GLN D 105 -7.98 13.02 -9.62
N ASP D 106 -8.79 12.48 -8.70
CA ASP D 106 -10.16 12.93 -8.60
C ASP D 106 -10.23 14.40 -8.25
N VAL D 107 -9.37 14.84 -7.33
CA VAL D 107 -9.33 16.28 -7.01
C VAL D 107 -8.99 17.06 -8.26
N PHE D 108 -7.93 16.63 -8.95
CA PHE D 108 -7.50 17.31 -10.16
C PHE D 108 -8.61 17.35 -11.21
N GLU D 109 -9.20 16.19 -11.52
CA GLU D 109 -10.19 16.10 -12.60
C GLU D 109 -11.46 16.87 -12.32
N THR D 110 -11.98 16.82 -11.08
CA THR D 110 -13.17 17.61 -10.78
C THR D 110 -12.88 19.09 -11.00
N HIS D 111 -11.73 19.54 -10.52
CA HIS D 111 -11.43 20.95 -10.69
C HIS D 111 -11.18 21.27 -12.17
N PHE D 112 -10.52 20.37 -12.91
CA PHE D 112 -10.27 20.68 -14.31
C PHE D 112 -11.58 20.66 -15.10
N SER D 113 -12.48 19.75 -14.79
CA SER D 113 -13.76 19.74 -15.46
C SER D 113 -14.53 21.01 -15.19
N LYS D 114 -14.13 21.77 -14.14
CA LYS D 114 -14.79 23.02 -13.76
C LYS D 114 -14.34 24.32 -14.45
N ILE D 115 -13.16 24.41 -15.07
CA ILE D 115 -12.72 25.72 -15.61
C ILE D 115 -13.96 26.31 -16.28
N PRO D 116 -14.24 27.59 -16.08
CA PRO D 116 -15.41 28.23 -16.68
C PRO D 116 -15.45 28.34 -18.20
N ILE D 117 -16.68 28.59 -18.64
CA ILE D 117 -17.12 28.56 -20.02
C ILE D 117 -17.08 29.95 -20.65
#